data_5GSY
#
_entry.id   5GSY
#
_entity_poly.entity_id   1
_entity_poly.type   'polypeptide(L)'
_entity_poly.pdbx_seq_one_letter_code
;MKDSGDSKDQQLMVALRVRPISVAELEEGATLIAHKMDEQMVVLMDPMEDPDDILRAHRSREKSYLFDVAFDFTATQEMV
YQATTKSLIEGVISGYNATVFAYGPTGCGKTYTMLGTDHEPGIYVRTLNDLFRAIEETSNDMEYEVSMSYLEIYNEMIRD
LLNPALGYLELREDSKGVIQVAGITEVSTINAKEIMQLLMKGNRQRTQEPTAANQTSSRSHAVLQVAVRQRSRVKNILQE
VRQGRLFMIDLAGSERASQTQNRGQRMKEGAHINRSLLALGNCINALSDKGSNKYINYRDSKLTRLLKDSLGGNSRTVMI
AHISPASTAFEESRNTLTYAGRAKNIRTRVKQNHHHHHHH
;
_entity_poly.pdbx_strand_id   K
#
# COMPACT_ATOMS: atom_id res chain seq x y z
N GLN A 11 5.31 3.43 -14.80
CA GLN A 11 5.90 4.54 -14.03
C GLN A 11 5.70 4.38 -12.51
N LEU A 12 6.80 4.15 -11.80
CA LEU A 12 6.78 3.78 -10.38
C LEU A 12 7.49 4.78 -9.47
N MET A 13 6.89 5.08 -8.33
CA MET A 13 7.57 5.91 -7.32
C MET A 13 7.76 5.12 -6.04
N VAL A 14 8.93 5.24 -5.45
CA VAL A 14 9.22 4.53 -4.20
C VAL A 14 9.64 5.49 -3.09
N ALA A 15 8.94 5.42 -1.96
CA ALA A 15 9.22 6.30 -0.84
C ALA A 15 9.63 5.44 0.35
N LEU A 16 10.48 5.97 1.21
CA LEU A 16 10.73 5.29 2.48
C LEU A 16 10.40 6.18 3.65
N ARG A 17 9.59 5.66 4.57
CA ARG A 17 9.24 6.39 5.77
C ARG A 17 9.84 5.78 7.03
N VAL A 18 10.55 6.61 7.79
CA VAL A 18 11.05 6.18 9.09
C VAL A 18 10.14 6.68 10.20
N ARG A 19 9.52 5.76 10.93
CA ARG A 19 8.68 6.21 12.03
C ARG A 19 9.59 6.55 13.20
N PRO A 20 9.13 7.39 14.13
CA PRO A 20 9.97 7.64 15.31
C PRO A 20 10.22 6.37 16.11
N ILE A 21 11.30 6.34 16.88
CA ILE A 21 11.54 5.20 17.77
C ILE A 21 10.47 5.08 18.88
N SER A 22 10.19 3.87 19.32
CA SER A 22 9.14 3.64 20.30
C SER A 22 9.69 3.35 21.68
N VAL A 23 8.88 3.62 22.70
CA VAL A 23 9.22 3.34 24.08
C VAL A 23 9.57 1.87 24.28
N ALA A 24 8.71 0.98 23.77
CA ALA A 24 8.97 -0.45 23.84
C ALA A 24 10.36 -0.83 23.33
N GLU A 25 10.81 -0.11 22.29
CA GLU A 25 12.14 -0.35 21.72
C GLU A 25 13.25 0.16 22.65
N LEU A 26 13.01 1.30 23.28
CA LEU A 26 13.99 1.88 24.19
C LEU A 26 14.18 1.01 25.43
N GLU A 27 13.09 0.37 25.84
CA GLU A 27 13.15 -0.46 27.01
C GLU A 27 13.88 -1.75 26.68
N GLU A 28 13.71 -2.24 25.46
CA GLU A 28 14.46 -3.42 25.04
C GLU A 28 15.95 -3.08 24.95
N GLY A 29 16.25 -1.79 24.88
CA GLY A 29 17.63 -1.29 24.90
C GLY A 29 18.15 -0.87 23.53
N ALA A 30 17.27 -0.39 22.66
CA ALA A 30 17.66 -0.14 21.28
C ALA A 30 18.25 1.24 21.07
N THR A 31 19.18 1.36 20.13
CA THR A 31 19.67 2.68 19.78
C THR A 31 19.15 3.07 18.40
N LEU A 32 19.47 4.28 17.96
CA LEU A 32 19.09 4.70 16.62
C LEU A 32 20.14 4.29 15.60
N ILE A 33 19.72 3.59 14.56
CA ILE A 33 20.64 3.15 13.52
C ILE A 33 20.16 3.53 12.13
N ALA A 34 18.94 4.05 12.04
CA ALA A 34 18.44 4.51 10.77
C ALA A 34 18.42 6.04 10.78
N HIS A 35 18.88 6.65 9.69
CA HIS A 35 18.98 8.09 9.64
C HIS A 35 18.65 8.67 8.28
N LYS A 36 17.64 9.53 8.25
CA LYS A 36 17.39 10.33 7.08
C LYS A 36 18.57 11.27 6.92
N MET A 37 19.30 11.14 5.82
CA MET A 37 20.55 11.87 5.67
C MET A 37 20.37 13.06 4.77
N ASP A 38 19.22 13.06 4.14
CA ASP A 38 19.05 13.63 2.82
C ASP A 38 17.55 13.55 2.59
N GLU A 39 17.05 14.26 1.58
CA GLU A 39 15.62 14.22 1.35
C GLU A 39 15.24 13.00 0.53
N GLN A 40 16.24 12.22 0.14
CA GLN A 40 15.96 10.99 -0.57
C GLN A 40 17.03 9.94 -0.32
N MET A 41 17.75 10.10 0.78
CA MET A 41 18.75 9.10 1.14
C MET A 41 18.71 8.76 2.62
N VAL A 42 18.79 7.46 2.88
CA VAL A 42 18.68 6.92 4.21
C VAL A 42 19.84 5.97 4.42
N VAL A 43 20.55 6.11 5.54
CA VAL A 43 21.63 5.16 5.84
C VAL A 43 21.23 4.28 7.01
N LEU A 44 21.77 3.07 7.01
CA LEU A 44 21.48 2.08 8.05
C LEU A 44 22.74 1.59 8.73
N MET A 45 23.05 2.18 9.89
CA MET A 45 24.16 1.73 10.72
C MET A 45 23.97 0.29 11.19
N ASP A 46 25.05 -0.46 11.09
CA ASP A 46 25.13 -1.80 11.66
C ASP A 46 25.43 -1.66 13.16
N PRO A 47 24.65 -2.30 14.00
CA PRO A 47 24.98 -2.32 15.40
C PRO A 47 26.00 -3.46 15.52
N MET A 48 26.20 -4.03 16.71
CA MET A 48 27.16 -5.14 16.81
C MET A 48 26.85 -6.14 17.91
N GLU A 49 27.36 -7.35 17.77
CA GLU A 49 27.10 -8.36 18.75
C GLU A 49 27.97 -9.58 18.58
N ASP A 50 28.81 -9.77 19.55
CA ASP A 50 29.73 -10.87 19.66
C ASP A 50 28.93 -12.19 19.60
N PRO A 51 29.57 -13.33 19.86
CA PRO A 51 30.99 -13.37 20.19
C PRO A 51 31.84 -13.43 18.93
N ASP A 52 31.31 -12.86 17.84
CA ASP A 52 32.04 -12.83 16.59
C ASP A 52 33.21 -11.88 16.76
N ASP A 53 33.43 -11.01 15.78
CA ASP A 53 32.62 -10.93 14.59
C ASP A 53 33.36 -11.46 13.40
N ILE A 54 34.68 -11.57 13.52
CA ILE A 54 35.51 -11.81 12.35
C ILE A 54 35.25 -10.63 11.38
N LEU A 55 34.57 -9.62 11.91
CA LEU A 55 34.10 -8.50 11.13
C LEU A 55 34.53 -7.25 11.85
N ARG A 56 34.91 -6.27 11.03
CA ARG A 56 35.68 -5.06 11.33
C ARG A 56 37.18 -5.26 10.98
N ALA A 57 37.59 -5.45 9.71
CA ALA A 57 36.89 -6.01 8.53
C ALA A 57 35.42 -5.70 8.29
N HIS A 58 35.02 -4.45 8.51
CA HIS A 58 33.60 -4.12 8.60
C HIS A 58 32.94 -4.37 7.26
N ARG A 59 33.49 -3.76 6.22
CA ARG A 59 32.81 -3.62 4.92
C ARG A 59 31.44 -3.01 5.20
N SER A 60 31.48 -1.94 6.02
CA SER A 60 30.31 -1.35 6.72
C SER A 60 29.91 -2.28 7.87
N ARG A 61 29.66 -1.79 9.09
CA ARG A 61 29.45 -0.40 9.56
C ARG A 61 28.18 0.27 8.99
N GLU A 62 28.30 1.08 7.95
CA GLU A 62 27.14 1.83 7.46
C GLU A 62 26.88 1.55 5.99
N LYS A 63 25.62 1.33 5.62
CA LYS A 63 25.25 1.20 4.21
C LYS A 63 24.19 2.21 3.79
N SER A 64 24.35 2.77 2.59
CA SER A 64 23.47 3.79 2.04
C SER A 64 22.31 3.23 1.23
N TYR A 65 21.19 3.94 1.19
CA TYR A 65 20.01 3.58 0.40
C TYR A 65 19.31 4.80 -0.14
N LEU A 66 18.94 4.76 -1.42
CA LEU A 66 18.31 5.92 -2.07
C LEU A 66 16.90 5.59 -2.55
N PHE A 67 16.02 6.57 -2.38
CA PHE A 67 14.61 6.42 -2.71
C PHE A 67 14.16 7.67 -3.43
N ASP A 68 13.04 7.59 -4.14
CA ASP A 68 12.50 8.77 -4.82
C ASP A 68 12.26 9.89 -3.80
N VAL A 69 11.77 9.53 -2.62
CA VAL A 69 11.64 10.48 -1.53
C VAL A 69 11.79 9.73 -0.20
N ALA A 70 12.17 10.46 0.85
CA ALA A 70 12.38 9.86 2.16
C ALA A 70 11.72 10.72 3.24
N PHE A 71 11.24 10.08 4.32
CA PHE A 71 10.65 10.80 5.44
C PHE A 71 11.06 10.21 6.78
N ASP A 72 11.39 11.06 7.76
CA ASP A 72 11.43 10.62 9.15
C ASP A 72 10.43 11.41 9.98
N PHE A 73 10.58 11.38 11.30
CA PHE A 73 9.59 11.97 12.21
C PHE A 73 9.35 13.46 11.99
N THR A 74 10.23 14.11 11.23
CA THR A 74 10.06 15.53 10.94
C THR A 74 8.89 15.80 9.98
N ALA A 75 8.58 14.84 9.12
CA ALA A 75 7.48 15.01 8.18
C ALA A 75 6.12 14.80 8.84
N THR A 76 5.16 15.65 8.48
CA THR A 76 3.80 15.51 8.98
C THR A 76 3.03 14.62 8.03
N GLN A 77 1.86 14.16 8.47
CA GLN A 77 0.98 13.41 7.62
C GLN A 77 0.78 14.13 6.28
N GLU A 78 0.35 15.38 6.34
CA GLU A 78 0.17 16.18 5.13
C GLU A 78 1.40 16.25 4.20
N MET A 79 2.58 16.18 4.78
CA MET A 79 3.77 16.29 3.96
C MET A 79 4.00 15.00 3.19
N VAL A 80 3.70 13.86 3.81
CA VAL A 80 3.89 12.59 3.10
C VAL A 80 2.80 12.47 2.02
N TYR A 81 1.59 12.94 2.32
CA TYR A 81 0.54 12.93 1.34
C TYR A 81 0.91 13.76 0.11
N GLN A 82 1.41 14.96 0.39
CA GLN A 82 1.74 15.90 -0.67
C GLN A 82 2.88 15.33 -1.52
N ALA A 83 3.76 14.54 -0.90
CA ALA A 83 4.94 14.05 -1.60
C ALA A 83 4.74 12.71 -2.27
N THR A 84 3.62 12.06 -1.99
CA THR A 84 3.45 10.71 -2.51
C THR A 84 2.27 10.56 -3.45
N THR A 85 1.09 11.04 -3.04
CA THR A 85 -0.12 10.69 -3.78
C THR A 85 -0.97 11.87 -4.29
N LYS A 86 -0.66 13.10 -3.90
CA LYS A 86 -1.48 14.23 -4.33
C LYS A 86 -1.55 14.30 -5.84
N SER A 87 -0.40 14.12 -6.47
CA SER A 87 -0.26 14.29 -7.92
C SER A 87 -1.00 13.23 -8.72
N LEU A 88 -1.32 12.11 -8.08
CA LEU A 88 -2.07 11.03 -8.73
C LEU A 88 -3.47 11.46 -9.11
N ILE A 89 -4.01 12.40 -8.35
CA ILE A 89 -5.41 12.74 -8.43
C ILE A 89 -5.85 13.25 -9.82
N GLU A 90 -5.08 14.14 -10.42
CA GLU A 90 -5.39 14.69 -11.74
C GLU A 90 -5.61 13.58 -12.77
N GLY A 91 -4.72 12.60 -12.78
CA GLY A 91 -4.83 11.46 -13.66
C GLY A 91 -6.05 10.59 -13.41
N VAL A 92 -6.37 10.37 -12.13
CA VAL A 92 -7.43 9.44 -11.80
C VAL A 92 -8.77 9.98 -12.31
N ILE A 93 -8.98 11.28 -12.18
CA ILE A 93 -10.27 11.79 -12.59
C ILE A 93 -10.30 11.92 -14.11
N SER A 94 -9.15 11.78 -14.75
CA SER A 94 -9.04 11.83 -16.21
C SER A 94 -9.16 10.47 -16.89
N GLY A 95 -9.43 9.42 -16.12
CA GLY A 95 -9.51 8.08 -16.66
C GLY A 95 -8.27 7.22 -16.48
N TYR A 96 -7.23 7.73 -15.85
CA TYR A 96 -6.07 6.88 -15.64
C TYR A 96 -6.13 6.18 -14.29
N ASN A 97 -5.45 5.06 -14.23
CA ASN A 97 -5.35 4.21 -13.07
C ASN A 97 -4.11 4.45 -12.22
N ALA A 98 -4.23 4.25 -10.91
CA ALA A 98 -3.13 4.49 -9.97
C ALA A 98 -3.21 3.58 -8.74
N THR A 99 -2.05 3.33 -8.15
CA THR A 99 -1.97 2.46 -7.01
C THR A 99 -0.96 2.89 -5.95
N VAL A 100 -1.43 2.97 -4.72
CA VAL A 100 -0.57 3.28 -3.59
C VAL A 100 -0.52 2.13 -2.59
N PHE A 101 0.69 1.59 -2.39
CA PHE A 101 0.95 0.57 -1.37
C PHE A 101 1.62 1.14 -0.16
N ALA A 102 1.12 0.75 1.00
CA ALA A 102 1.91 0.84 2.23
C ALA A 102 2.54 -0.51 2.47
N TYR A 103 3.86 -0.55 2.43
CA TYR A 103 4.61 -1.79 2.61
C TYR A 103 5.55 -1.75 3.82
N GLY A 104 5.75 -2.90 4.45
CA GLY A 104 6.70 -3.00 5.54
C GLY A 104 6.30 -3.97 6.63
N PRO A 105 7.20 -4.18 7.59
CA PRO A 105 6.99 -5.10 8.72
C PRO A 105 5.92 -4.58 9.65
N THR A 106 5.22 -5.47 10.35
CA THR A 106 4.24 -5.04 11.34
C THR A 106 4.80 -4.06 12.37
N GLY A 107 4.03 -3.02 12.68
CA GLY A 107 4.44 -2.05 13.67
C GLY A 107 5.31 -0.93 13.15
N CYS A 108 5.67 -0.97 11.85
CA CYS A 108 6.53 0.07 11.26
C CYS A 108 5.79 1.28 10.68
N GLY A 109 4.46 1.22 10.59
CA GLY A 109 3.72 2.40 10.18
C GLY A 109 2.67 2.37 9.07
N LYS A 110 2.59 1.29 8.30
CA LYS A 110 1.59 1.11 7.26
C LYS A 110 0.18 1.71 7.54
N THR A 111 -0.54 1.17 8.53
CA THR A 111 -1.86 1.70 8.82
C THR A 111 -1.83 3.20 9.21
N TYR A 112 -0.82 3.64 9.95
CA TYR A 112 -0.74 5.07 10.29
C TYR A 112 -0.61 5.96 9.04
N THR A 113 0.27 5.58 8.12
CA THR A 113 0.42 6.28 6.85
C THR A 113 -0.86 6.30 6.01
N MET A 114 -1.60 5.18 5.98
CA MET A 114 -2.77 5.04 5.10
C MET A 114 -4.09 5.53 5.71
N LEU A 115 -4.45 5.01 6.88
CA LEU A 115 -5.60 5.47 7.66
C LEU A 115 -5.32 6.71 8.54
N GLY A 116 -4.21 6.70 9.26
CA GLY A 116 -3.91 7.77 10.19
C GLY A 116 -4.73 7.64 11.45
N THR A 117 -4.94 8.76 12.12
CA THR A 117 -5.80 8.81 13.30
C THR A 117 -6.76 9.98 13.19
N ASP A 118 -7.73 10.05 14.10
CA ASP A 118 -8.61 11.21 14.17
C ASP A 118 -7.79 12.49 14.28
N HIS A 119 -6.88 12.52 15.24
CA HIS A 119 -6.00 13.68 15.37
C HIS A 119 -5.11 13.83 14.13
N GLU A 120 -4.65 12.71 13.55
CA GLU A 120 -3.72 12.76 12.41
C GLU A 120 -4.09 11.83 11.23
N PRO A 121 -5.00 12.28 10.38
CA PRO A 121 -5.47 11.59 9.17
C PRO A 121 -4.36 11.19 8.21
N GLY A 122 -4.47 10.02 7.61
CA GLY A 122 -3.50 9.58 6.61
C GLY A 122 -3.88 9.85 5.17
N ILE A 123 -3.37 8.99 4.29
CA ILE A 123 -3.52 9.14 2.84
C ILE A 123 -4.96 9.01 2.33
N TYR A 124 -5.74 8.05 2.85
CA TYR A 124 -7.10 7.83 2.40
C TYR A 124 -7.91 9.11 2.26
N VAL A 125 -8.08 9.78 3.39
CA VAL A 125 -8.94 10.94 3.46
C VAL A 125 -8.31 12.16 2.78
N ARG A 126 -7.02 12.42 2.97
CA ARG A 126 -6.40 13.57 2.31
C ARG A 126 -6.57 13.42 0.80
N THR A 127 -6.48 12.19 0.32
CA THR A 127 -6.66 11.94 -1.10
C THR A 127 -8.11 12.08 -1.52
N LEU A 128 -9.03 11.54 -0.72
CA LEU A 128 -10.45 11.63 -1.07
C LEU A 128 -10.87 13.09 -1.11
N ASN A 129 -10.21 13.87 -0.27
CA ASN A 129 -10.52 15.28 -0.14
C ASN A 129 -10.13 16.10 -1.36
N ASP A 130 -8.88 15.97 -1.77
CA ASP A 130 -8.43 16.67 -2.95
C ASP A 130 -9.14 16.13 -4.20
N LEU A 131 -9.70 14.94 -4.08
CA LEU A 131 -10.37 14.34 -5.20
C LEU A 131 -11.67 15.08 -5.47
N PHE A 132 -12.45 15.28 -4.42
CA PHE A 132 -13.74 15.98 -4.49
C PHE A 132 -13.59 17.46 -4.79
N ARG A 133 -12.47 18.05 -4.37
CA ARG A 133 -12.22 19.44 -4.71
C ARG A 133 -11.82 19.56 -6.19
N ALA A 134 -10.96 18.67 -6.65
CA ALA A 134 -10.58 18.61 -8.05
C ALA A 134 -11.81 18.44 -8.92
N ILE A 135 -12.73 17.59 -8.48
CA ILE A 135 -13.97 17.39 -9.19
C ILE A 135 -14.83 18.68 -9.29
N GLU A 136 -15.05 19.39 -8.18
CA GLU A 136 -15.83 20.63 -8.22
C GLU A 136 -15.14 21.68 -9.08
N GLU A 137 -13.82 21.72 -9.02
CA GLU A 137 -13.07 22.75 -9.73
C GLU A 137 -13.19 22.56 -11.23
N THR A 138 -13.85 21.48 -11.65
CA THR A 138 -13.92 21.17 -13.06
C THR A 138 -15.28 20.62 -13.52
N SER A 139 -16.29 20.75 -12.65
CA SER A 139 -17.66 20.33 -12.95
C SER A 139 -18.43 21.40 -13.72
N ASN A 140 -17.72 22.44 -14.14
CA ASN A 140 -18.26 23.38 -15.10
C ASN A 140 -18.36 22.63 -16.40
N ASP A 141 -17.30 21.91 -16.71
CA ASP A 141 -17.13 21.22 -17.97
C ASP A 141 -17.55 19.76 -17.94
N MET A 142 -17.49 19.15 -16.76
CA MET A 142 -17.59 17.70 -16.64
C MET A 142 -18.65 17.21 -15.64
N GLU A 143 -19.24 16.07 -15.95
CA GLU A 143 -20.10 15.32 -15.04
C GLU A 143 -19.25 14.25 -14.35
N TYR A 144 -19.47 14.00 -13.06
CA TYR A 144 -18.69 12.98 -12.34
C TYR A 144 -19.53 12.03 -11.51
N GLU A 145 -19.11 10.77 -11.49
CA GLU A 145 -19.62 9.81 -10.51
C GLU A 145 -18.47 9.23 -9.69
N VAL A 146 -18.61 9.26 -8.38
CA VAL A 146 -17.59 8.72 -7.52
C VAL A 146 -18.14 7.64 -6.61
N SER A 147 -17.51 6.47 -6.65
CA SER A 147 -17.83 5.40 -5.69
C SER A 147 -16.55 4.85 -5.03
N MET A 148 -16.67 4.44 -3.78
CA MET A 148 -15.54 3.84 -3.07
C MET A 148 -15.94 2.59 -2.30
N SER A 149 -15.02 1.64 -2.19
CA SER A 149 -15.25 0.45 -1.38
C SER A 149 -14.02 0.19 -0.52
N TYR A 150 -14.23 -0.53 0.58
CA TYR A 150 -13.15 -0.85 1.49
C TYR A 150 -13.29 -2.30 1.97
N LEU A 151 -12.48 -3.19 1.40
CA LEU A 151 -12.53 -4.60 1.77
C LEU A 151 -11.20 -5.14 2.26
N GLU A 152 -11.23 -6.41 2.67
CA GLU A 152 -10.06 -7.11 3.18
C GLU A 152 -9.77 -8.32 2.33
N ILE A 153 -8.49 -8.60 2.10
CA ILE A 153 -8.04 -9.92 1.64
C ILE A 153 -7.23 -10.56 2.76
N TYR A 154 -7.75 -11.65 3.28
CA TYR A 154 -7.09 -12.39 4.36
C TYR A 154 -6.99 -13.85 3.96
N ASN A 155 -5.78 -14.35 3.80
CA ASN A 155 -5.60 -15.71 3.30
C ASN A 155 -6.46 -15.95 2.08
N GLU A 156 -6.29 -15.09 1.09
CA GLU A 156 -7.01 -15.18 -0.17
C GLU A 156 -8.53 -15.17 -0.04
N MET A 157 -9.04 -14.79 1.13
CA MET A 157 -10.47 -14.74 1.27
C MET A 157 -10.95 -13.28 1.49
N ILE A 158 -11.93 -12.88 0.69
CA ILE A 158 -12.48 -11.53 0.77
C ILE A 158 -13.46 -11.42 1.93
N ARG A 159 -13.91 -10.20 2.20
CA ARG A 159 -14.86 -9.95 3.28
C ARG A 159 -15.83 -8.84 2.92
N ASP A 160 -15.47 -8.04 1.91
CA ASP A 160 -16.31 -6.94 1.47
C ASP A 160 -16.23 -5.76 2.42
N LEU A 161 -16.15 -6.05 3.71
CA LEU A 161 -16.07 -5.01 4.74
C LEU A 161 -17.43 -4.36 4.98
N LEU A 162 -18.43 -4.83 4.25
CA LEU A 162 -19.78 -4.29 4.38
C LEU A 162 -20.82 -5.40 4.37
N ASN A 163 -21.29 -5.76 3.18
CA ASN A 163 -22.29 -6.81 3.02
C ASN A 163 -21.89 -8.09 3.74
N PRO A 164 -22.74 -8.51 4.75
CA PRO A 164 -22.33 -9.74 5.43
C PRO A 164 -23.07 -10.96 4.90
N ALA A 165 -22.45 -11.70 3.99
CA ALA A 165 -23.06 -12.88 3.41
C ALA A 165 -22.13 -13.54 2.39
N LEU A 166 -21.04 -12.86 2.07
CA LEU A 166 -20.07 -13.38 1.11
C LEU A 166 -18.69 -13.50 1.74
N GLY A 167 -17.95 -14.55 1.37
CA GLY A 167 -16.63 -14.79 1.89
C GLY A 167 -15.72 -15.47 0.89
N TYR A 168 -16.13 -15.45 -0.38
CA TYR A 168 -15.34 -16.08 -1.45
C TYR A 168 -15.68 -15.46 -2.81
N LEU A 169 -15.31 -14.21 -2.99
CA LEU A 169 -15.57 -13.51 -4.25
C LEU A 169 -14.48 -13.79 -5.27
N GLU A 170 -14.90 -14.17 -6.47
CA GLU A 170 -13.96 -14.48 -7.55
C GLU A 170 -14.00 -13.40 -8.63
N LEU A 171 -12.83 -12.88 -8.97
CA LEU A 171 -12.72 -11.84 -9.99
C LEU A 171 -12.98 -12.41 -11.38
N ARG A 172 -13.80 -11.70 -12.16
CA ARG A 172 -14.14 -12.13 -13.51
C ARG A 172 -13.75 -11.07 -14.54
N GLU A 173 -13.54 -11.50 -15.78
CA GLU A 173 -13.18 -10.59 -16.84
C GLU A 173 -14.42 -10.12 -17.54
N ASP A 174 -14.43 -8.84 -17.97
CA ASP A 174 -15.50 -8.28 -18.81
C ASP A 174 -15.17 -8.70 -20.26
N SER A 175 -15.93 -8.21 -21.26
CA SER A 175 -15.72 -8.52 -22.68
C SER A 175 -14.33 -8.09 -23.23
N LYS A 176 -13.70 -7.09 -22.59
CA LYS A 176 -12.38 -6.54 -22.95
C LYS A 176 -11.24 -7.07 -22.05
N GLY A 177 -11.42 -8.28 -21.46
CA GLY A 177 -10.43 -8.99 -20.63
C GLY A 177 -9.94 -8.25 -19.36
N VAL A 178 -10.65 -7.22 -18.93
CA VAL A 178 -10.26 -6.46 -17.76
C VAL A 178 -10.74 -7.22 -16.52
N ILE A 179 -9.81 -7.63 -15.62
CA ILE A 179 -10.25 -8.34 -14.41
C ILE A 179 -10.92 -7.39 -13.42
N GLN A 180 -11.97 -7.88 -12.76
CA GLN A 180 -12.71 -7.08 -11.79
C GLN A 180 -13.51 -7.96 -10.84
N VAL A 181 -13.37 -7.71 -9.55
CA VAL A 181 -14.08 -8.48 -8.53
C VAL A 181 -15.58 -8.48 -8.78
N ALA A 182 -16.16 -9.67 -8.84
CA ALA A 182 -17.60 -9.81 -9.08
C ALA A 182 -18.37 -9.89 -7.77
N GLY A 183 -19.39 -9.06 -7.63
CA GLY A 183 -20.20 -9.03 -6.43
C GLY A 183 -19.69 -8.09 -5.37
N ILE A 184 -18.41 -7.73 -5.46
CA ILE A 184 -17.79 -6.82 -4.50
C ILE A 184 -18.70 -5.62 -4.23
N THR A 185 -19.15 -5.49 -2.99
CA THR A 185 -20.02 -4.39 -2.60
C THR A 185 -19.49 -3.07 -3.14
N GLU A 186 -20.36 -2.07 -3.20
CA GLU A 186 -19.96 -0.75 -3.70
C GLU A 186 -20.79 0.28 -2.95
N VAL A 187 -20.21 0.85 -1.89
CA VAL A 187 -20.91 1.82 -1.06
C VAL A 187 -20.77 3.23 -1.57
N SER A 188 -21.90 3.91 -1.73
CA SER A 188 -21.93 5.31 -2.14
C SER A 188 -21.52 6.16 -0.93
N THR A 189 -20.55 7.07 -1.12
CA THR A 189 -20.04 7.95 -0.07
C THR A 189 -20.09 9.42 -0.49
N ILE A 190 -20.77 10.26 0.29
CA ILE A 190 -20.95 11.67 -0.05
C ILE A 190 -20.14 12.65 0.83
N ASN A 191 -19.25 12.11 1.66
CA ASN A 191 -18.43 12.95 2.54
C ASN A 191 -17.24 12.17 3.12
N ALA A 192 -16.29 12.90 3.70
CA ALA A 192 -15.12 12.29 4.29
C ALA A 192 -15.46 11.59 5.61
N LYS A 193 -16.43 12.14 6.33
CA LYS A 193 -16.85 11.57 7.60
C LYS A 193 -17.51 10.20 7.40
N GLU A 194 -18.04 9.97 6.21
CA GLU A 194 -18.70 8.71 5.89
C GLU A 194 -17.68 7.64 5.52
N ILE A 195 -16.66 8.04 4.76
CA ILE A 195 -15.62 7.11 4.34
C ILE A 195 -14.85 6.56 5.52
N MET A 196 -14.57 7.41 6.50
CA MET A 196 -13.85 7.02 7.69
C MET A 196 -14.66 6.03 8.53
N GLN A 197 -15.96 6.28 8.64
CA GLN A 197 -16.85 5.42 9.41
C GLN A 197 -17.00 4.06 8.75
N LEU A 198 -16.99 4.04 7.42
CA LEU A 198 -17.12 2.80 6.67
C LEU A 198 -15.93 1.89 6.89
N LEU A 199 -14.73 2.48 6.90
CA LEU A 199 -13.51 1.72 7.10
C LEU A 199 -13.38 1.25 8.54
N MET A 200 -13.86 2.07 9.47
CA MET A 200 -13.79 1.74 10.89
C MET A 200 -14.83 0.68 11.25
N LYS A 201 -15.99 0.74 10.60
CA LYS A 201 -17.06 -0.21 10.85
C LYS A 201 -16.79 -1.54 10.16
N GLY A 202 -16.15 -1.47 9.00
CA GLY A 202 -15.84 -2.67 8.24
C GLY A 202 -14.54 -3.32 8.70
N ASN A 203 -13.58 -2.50 9.08
CA ASN A 203 -12.28 -2.99 9.56
C ASN A 203 -12.43 -4.08 10.62
N ARG A 204 -13.31 -3.84 11.58
CA ARG A 204 -13.55 -4.79 12.66
C ARG A 204 -13.71 -6.21 12.11
N GLN A 205 -14.06 -6.31 10.83
CA GLN A 205 -14.26 -7.60 10.19
C GLN A 205 -12.93 -8.22 9.77
N ARG A 206 -11.93 -7.37 9.55
CA ARG A 206 -10.61 -7.83 9.15
C ARG A 206 -10.04 -8.83 10.14
N THR A 207 -9.78 -10.05 9.66
CA THR A 207 -9.23 -11.10 10.50
C THR A 207 -8.10 -10.58 11.37
N GLN A 208 -8.26 -10.74 12.69
CA GLN A 208 -7.25 -10.29 13.65
C GLN A 208 -6.42 -11.46 14.17
N GLU A 209 -5.40 -11.14 14.96
CA GLU A 209 -4.53 -12.17 15.53
C GLU A 209 -5.32 -13.12 16.41
N PRO A 210 -5.28 -14.47 16.04
CA PRO A 210 -6.05 -15.36 16.93
C PRO A 210 -5.65 -15.21 18.39
N THR A 211 -4.36 -14.98 18.63
CA THR A 211 -3.84 -14.82 19.98
C THR A 211 -4.52 -13.65 20.68
N GLN A 215 -6.12 -7.11 18.35
CA GLN A 215 -5.07 -6.81 17.38
C GLN A 215 -5.38 -7.43 16.02
N THR A 216 -5.06 -6.70 14.96
CA THR A 216 -5.30 -7.17 13.61
C THR A 216 -4.30 -8.26 13.22
N SER A 217 -4.69 -9.10 12.27
CA SER A 217 -3.84 -10.19 11.81
C SER A 217 -2.72 -9.67 10.91
N SER A 218 -1.49 -10.05 11.20
CA SER A 218 -0.34 -9.62 10.42
C SER A 218 -0.39 -10.19 9.01
N ARG A 219 -1.57 -10.62 8.59
CA ARG A 219 -1.77 -11.18 7.26
C ARG A 219 -2.94 -10.56 6.51
N SER A 220 -3.35 -9.37 6.93
CA SER A 220 -4.56 -8.77 6.39
C SER A 220 -4.28 -7.57 5.48
N HIS A 221 -4.58 -7.70 4.19
CA HIS A 221 -4.57 -6.57 3.27
C HIS A 221 -5.84 -5.79 3.39
N ALA A 222 -5.74 -4.48 3.50
CA ALA A 222 -6.93 -3.66 3.39
C ALA A 222 -6.85 -2.88 2.07
N VAL A 223 -7.87 -3.03 1.24
CA VAL A 223 -7.86 -2.32 -0.02
C VAL A 223 -8.96 -1.28 -0.03
N LEU A 224 -8.56 -0.04 -0.21
CA LEU A 224 -9.52 1.02 -0.47
C LEU A 224 -9.47 1.36 -1.96
N GLN A 225 -10.59 1.15 -2.66
CA GLN A 225 -10.61 1.53 -4.07
C GLN A 225 -11.68 2.57 -4.38
N VAL A 226 -11.26 3.58 -5.13
CA VAL A 226 -12.11 4.65 -5.57
C VAL A 226 -12.24 4.65 -7.08
N ALA A 227 -13.49 4.62 -7.56
CA ALA A 227 -13.80 4.65 -8.98
C ALA A 227 -14.34 6.03 -9.36
N VAL A 228 -13.92 6.55 -10.52
CA VAL A 228 -14.36 7.86 -11.00
C VAL A 228 -14.70 7.88 -12.50
N ARG A 229 -15.99 8.08 -12.80
CA ARG A 229 -16.44 8.26 -14.17
C ARG A 229 -16.61 9.76 -14.50
N GLN A 230 -16.05 10.15 -15.65
CA GLN A 230 -16.15 11.49 -16.22
C GLN A 230 -16.60 11.51 -17.67
N ARG A 231 -17.65 12.28 -17.90
CA ARG A 231 -18.15 12.51 -19.22
C ARG A 231 -18.36 14.00 -19.40
N SER A 232 -18.26 14.44 -20.65
CA SER A 232 -18.47 15.82 -21.02
C SER A 232 -19.91 16.29 -20.86
N ARG A 233 -20.07 17.57 -20.58
CA ARG A 233 -21.38 18.15 -20.53
C ARG A 233 -21.81 18.60 -21.93
N VAL A 234 -20.84 18.66 -22.86
CA VAL A 234 -21.14 18.95 -24.26
C VAL A 234 -21.67 17.70 -24.98
N LYS A 235 -22.90 17.78 -25.45
CA LYS A 235 -23.61 16.60 -25.89
C LYS A 235 -23.65 16.46 -27.41
N ASN A 236 -23.36 17.52 -28.14
CA ASN A 236 -23.44 17.45 -29.59
C ASN A 236 -22.12 17.01 -30.20
N ILE A 237 -21.19 16.54 -29.35
CA ILE A 237 -19.91 16.00 -29.80
C ILE A 237 -19.57 14.77 -28.96
N LEU A 238 -19.16 13.67 -29.60
CA LEU A 238 -19.22 12.40 -28.88
C LEU A 238 -18.28 12.26 -27.68
N GLN A 239 -16.97 12.25 -27.89
CA GLN A 239 -16.02 12.11 -26.75
C GLN A 239 -16.12 10.81 -25.94
N GLU A 240 -14.95 10.25 -25.60
CA GLU A 240 -14.87 9.05 -24.77
C GLU A 240 -15.37 9.32 -23.35
N VAL A 241 -16.15 8.41 -22.78
CA VAL A 241 -16.47 8.49 -21.34
C VAL A 241 -15.34 7.86 -20.49
N ARG A 242 -14.66 8.64 -19.66
CA ARG A 242 -13.46 8.15 -18.97
C ARG A 242 -13.81 7.43 -17.67
N GLN A 243 -12.93 6.53 -17.23
CA GLN A 243 -13.09 5.91 -15.92
C GLN A 243 -11.77 5.58 -15.25
N GLY A 244 -11.45 6.36 -14.22
CA GLY A 244 -10.18 6.21 -13.50
C GLY A 244 -10.39 5.37 -12.26
N ARG A 245 -9.35 4.65 -11.87
CA ARG A 245 -9.47 3.79 -10.72
C ARG A 245 -8.25 3.94 -9.84
N LEU A 246 -8.47 4.42 -8.62
CA LEU A 246 -7.43 4.55 -7.63
C LEU A 246 -7.54 3.44 -6.58
N PHE A 247 -6.41 2.78 -6.31
CA PHE A 247 -6.33 1.74 -5.29
C PHE A 247 -5.39 2.16 -4.20
N MET A 248 -5.87 2.14 -2.96
CA MET A 248 -5.02 2.52 -1.83
C MET A 248 -4.96 1.37 -0.86
N ILE A 249 -3.75 0.82 -0.73
CA ILE A 249 -3.60 -0.46 -0.10
C ILE A 249 -2.70 -0.44 1.12
N ASP A 250 -3.18 -1.04 2.20
CA ASP A 250 -2.43 -1.16 3.45
C ASP A 250 -2.27 -2.67 3.73
N LEU A 251 -1.04 -3.18 3.64
CA LEU A 251 -0.80 -4.60 3.85
C LEU A 251 -0.09 -4.99 5.16
N ALA A 252 0.36 -6.24 5.23
CA ALA A 252 1.04 -6.78 6.41
C ALA A 252 2.55 -6.94 6.20
N GLY A 253 3.08 -8.11 6.55
CA GLY A 253 4.52 -8.34 6.39
C GLY A 253 4.87 -9.79 6.11
N SER A 254 5.98 -10.01 5.38
CA SER A 254 6.52 -11.34 5.08
C SER A 254 6.85 -12.06 6.38
N GLU A 255 6.50 -13.34 6.47
CA GLU A 255 6.72 -14.09 7.70
C GLU A 255 7.69 -15.24 7.50
N ARG A 256 8.73 -15.26 8.34
CA ARG A 256 9.68 -16.35 8.35
C ARG A 256 9.05 -17.35 9.32
N ALA A 257 8.37 -18.34 8.75
CA ALA A 257 7.64 -19.44 9.40
C ALA A 257 8.49 -20.41 10.28
N SER A 258 9.83 -20.52 10.01
CA SER A 258 10.83 -21.30 10.79
C SER A 258 10.84 -20.66 12.18
N GLN A 259 10.95 -19.31 12.22
CA GLN A 259 10.80 -18.44 13.39
C GLN A 259 9.26 -18.34 13.53
N THR A 260 8.71 -17.92 14.67
CA THR A 260 7.24 -17.87 14.89
C THR A 260 6.67 -19.29 15.11
N GLN A 261 7.13 -20.25 14.32
CA GLN A 261 6.73 -21.66 14.39
C GLN A 261 5.28 -21.88 14.04
N ASN A 262 4.78 -21.17 13.00
CA ASN A 262 3.39 -21.24 12.50
C ASN A 262 2.99 -22.61 12.02
N ARG A 263 1.80 -23.07 12.46
CA ARG A 263 1.23 -24.37 12.11
C ARG A 263 -0.25 -24.24 11.76
N GLY A 264 -0.82 -25.29 11.19
CA GLY A 264 -2.23 -25.28 10.81
C GLY A 264 -2.66 -23.96 10.22
N GLN A 265 -3.60 -23.29 10.88
CA GLN A 265 -4.10 -22.01 10.42
C GLN A 265 -2.97 -20.99 10.28
N ARG A 266 -2.02 -21.05 11.21
CA ARG A 266 -0.88 -20.14 11.20
C ARG A 266 0.14 -20.54 10.14
N MET A 267 0.58 -21.80 10.21
CA MET A 267 1.56 -22.31 9.26
C MET A 267 1.14 -22.02 7.82
N LYS A 268 -0.08 -22.40 7.48
CA LYS A 268 -0.61 -22.18 6.13
C LYS A 268 -0.80 -20.70 5.86
N GLU A 269 -1.08 -19.93 6.90
CA GLU A 269 -1.30 -18.49 6.78
C GLU A 269 -0.06 -17.81 6.20
N GLY A 270 1.11 -18.22 6.67
CA GLY A 270 2.36 -17.65 6.21
C GLY A 270 2.66 -18.00 4.76
N ALA A 271 2.23 -19.18 4.35
CA ALA A 271 2.45 -19.65 2.98
C ALA A 271 1.77 -18.72 1.97
N HIS A 272 0.58 -18.25 2.33
CA HIS A 272 -0.18 -17.36 1.47
C HIS A 272 0.49 -15.99 1.35
N ILE A 273 0.63 -15.31 2.48
CA ILE A 273 1.24 -13.99 2.51
C ILE A 273 2.55 -14.00 1.71
N ASN A 274 3.39 -15.00 1.99
CA ASN A 274 4.67 -15.12 1.30
C ASN A 274 4.48 -15.29 -0.20
N ARG A 275 3.41 -15.98 -0.58
CA ARG A 275 3.10 -16.22 -2.01
C ARG A 275 2.67 -14.92 -2.72
N SER A 276 1.76 -14.18 -2.09
CA SER A 276 1.21 -12.93 -2.58
C SER A 276 2.28 -11.87 -2.72
N LEU A 277 3.19 -11.78 -1.74
CA LEU A 277 4.27 -10.80 -1.79
C LEU A 277 5.27 -11.16 -2.89
N LEU A 278 5.52 -12.45 -3.14
CA LEU A 278 6.39 -12.95 -4.22
C LEU A 278 5.78 -12.53 -5.53
N ALA A 279 4.47 -12.86 -5.74
CA ALA A 279 3.69 -12.51 -6.93
C ALA A 279 3.80 -11.06 -7.22
N LEU A 280 3.54 -10.23 -6.20
CA LEU A 280 3.61 -8.78 -6.29
C LEU A 280 4.98 -8.32 -6.70
N GLY A 281 6.02 -8.85 -6.07
CA GLY A 281 7.41 -8.57 -6.42
C GLY A 281 7.71 -8.91 -7.86
N ASN A 282 7.20 -10.07 -8.35
CA ASN A 282 7.35 -10.54 -9.75
C ASN A 282 6.67 -9.58 -10.73
N CYS A 283 5.49 -9.06 -10.33
CA CYS A 283 4.73 -8.10 -11.14
C CYS A 283 5.44 -6.75 -11.25
N ILE A 284 5.85 -6.18 -10.10
CA ILE A 284 6.51 -4.85 -10.12
C ILE A 284 7.87 -4.90 -10.81
N ASN A 285 8.61 -6.02 -10.63
CA ASN A 285 9.91 -6.26 -11.27
C ASN A 285 9.76 -6.24 -12.81
N ALA A 286 8.71 -6.95 -13.35
CA ALA A 286 8.38 -7.05 -14.77
C ALA A 286 8.03 -5.69 -15.35
N LEU A 287 7.24 -4.90 -14.60
CA LEU A 287 6.82 -3.54 -14.96
C LEU A 287 8.01 -2.61 -14.98
N SER A 288 8.92 -2.72 -13.97
CA SER A 288 10.14 -1.93 -13.86
C SER A 288 11.10 -2.19 -15.02
N ASP A 289 11.30 -3.45 -15.38
CA ASP A 289 12.20 -3.82 -16.47
C ASP A 289 11.44 -4.46 -17.62
N LYS A 290 12.17 -5.11 -18.52
CA LYS A 290 11.56 -5.77 -19.67
C LYS A 290 10.13 -6.21 -19.36
N GLY A 291 9.22 -6.07 -20.31
CA GLY A 291 9.51 -5.51 -21.63
C GLY A 291 8.95 -6.35 -22.75
N SER A 292 7.62 -6.45 -22.80
CA SER A 292 6.95 -7.23 -23.83
C SER A 292 7.53 -8.65 -23.93
N ASN A 293 7.64 -9.34 -22.79
CA ASN A 293 7.24 -8.81 -21.49
C ASN A 293 7.52 -9.82 -20.38
N LYS A 294 7.09 -11.07 -20.55
CA LYS A 294 6.37 -11.52 -21.74
C LYS A 294 4.89 -11.15 -21.66
N TYR A 295 4.49 -10.63 -20.51
CA TYR A 295 3.09 -10.24 -20.29
C TYR A 295 2.87 -9.77 -18.86
N ILE A 296 3.95 -9.61 -18.12
CA ILE A 296 3.87 -9.16 -16.72
C ILE A 296 3.02 -10.21 -16.01
N ASN A 297 3.56 -10.94 -14.99
CA ASN A 297 2.82 -12.09 -14.44
C ASN A 297 1.70 -11.80 -13.45
N TYR A 298 0.71 -11.03 -13.86
CA TYR A 298 -0.42 -10.73 -12.99
C TYR A 298 -1.08 -12.02 -12.47
N ARG A 299 -1.20 -13.02 -13.33
CA ARG A 299 -1.81 -14.30 -12.96
C ARG A 299 -1.13 -15.06 -11.76
N ASP A 300 -0.06 -14.50 -11.20
CA ASP A 300 0.57 -15.08 -10.02
C ASP A 300 -0.43 -15.40 -8.88
N SER A 301 -1.16 -14.41 -8.37
CA SER A 301 -2.09 -14.69 -7.28
C SER A 301 -3.07 -13.59 -6.91
N LYS A 302 -3.74 -13.78 -5.78
CA LYS A 302 -4.71 -12.86 -5.23
C LYS A 302 -4.08 -11.49 -5.07
N LEU A 303 -4.91 -10.47 -4.88
CA LEU A 303 -4.41 -9.11 -4.74
C LEU A 303 -3.96 -8.64 -6.12
N THR A 304 -3.68 -9.59 -6.99
CA THR A 304 -3.25 -9.34 -8.35
C THR A 304 -4.45 -9.43 -9.28
N ARG A 305 -5.36 -10.37 -9.02
CA ARG A 305 -6.55 -10.52 -9.84
C ARG A 305 -7.30 -9.19 -9.82
N LEU A 306 -7.35 -8.59 -8.64
CA LEU A 306 -8.02 -7.30 -8.43
C LEU A 306 -7.30 -6.14 -9.14
N LEU A 307 -5.97 -6.14 -9.06
CA LEU A 307 -5.16 -5.04 -9.59
C LEU A 307 -4.83 -5.18 -11.07
N LYS A 308 -5.25 -6.29 -11.69
CA LYS A 308 -4.89 -6.66 -13.06
C LYS A 308 -5.04 -5.55 -14.09
N ASP A 309 -6.26 -5.06 -14.25
CA ASP A 309 -6.57 -4.07 -15.28
C ASP A 309 -5.82 -2.77 -15.00
N SER A 310 -5.62 -2.47 -13.73
CA SER A 310 -4.75 -1.36 -13.33
C SER A 310 -3.31 -1.83 -13.47
N LEU A 311 -2.39 -1.14 -12.82
CA LEU A 311 -0.97 -1.50 -12.88
C LEU A 311 -0.60 -2.03 -14.26
N GLY A 312 -0.20 -1.13 -15.15
CA GLY A 312 0.18 -1.50 -16.50
C GLY A 312 1.07 -0.47 -17.16
N GLY A 313 0.82 -0.20 -18.44
CA GLY A 313 1.60 0.77 -19.18
C GLY A 313 1.35 2.21 -18.76
N ASN A 314 0.17 2.72 -19.09
CA ASN A 314 -0.17 4.11 -18.79
C ASN A 314 -0.78 4.29 -17.38
N SER A 315 -0.31 3.51 -16.41
CA SER A 315 -0.83 3.65 -15.04
C SER A 315 0.29 3.82 -14.00
N ARG A 316 0.01 4.56 -12.96
CA ARG A 316 0.98 4.90 -11.94
C ARG A 316 1.00 4.05 -10.70
N THR A 317 2.18 3.86 -10.12
CA THR A 317 2.31 3.11 -8.88
C THR A 317 3.19 3.83 -7.89
N VAL A 318 2.72 3.87 -6.65
CA VAL A 318 3.43 4.50 -5.55
C VAL A 318 3.58 3.51 -4.41
N MET A 319 4.82 3.15 -4.10
CA MET A 319 5.06 2.29 -2.96
C MET A 319 5.65 3.07 -1.80
N ILE A 320 5.04 2.98 -0.63
CA ILE A 320 5.64 3.57 0.55
C ILE A 320 6.13 2.51 1.53
N ALA A 321 7.45 2.31 1.52
CA ALA A 321 8.10 1.42 2.47
C ALA A 321 8.21 2.06 3.86
N HIS A 322 8.06 1.24 4.88
CA HIS A 322 8.15 1.67 6.29
C HIS A 322 9.18 0.90 7.09
N ILE A 323 9.99 1.61 7.89
CA ILE A 323 10.88 0.95 8.86
C ILE A 323 10.90 1.58 10.25
N SER A 324 11.35 0.79 11.20
CA SER A 324 11.72 1.27 12.52
C SER A 324 13.11 1.90 12.45
N PRO A 325 13.39 2.91 13.28
CA PRO A 325 14.79 3.38 13.27
C PRO A 325 15.60 2.63 14.32
N ALA A 326 14.93 1.70 15.00
CA ALA A 326 15.50 0.99 16.13
C ALA A 326 16.57 -0.04 15.75
N SER A 327 17.64 -0.04 16.55
CA SER A 327 18.68 -1.07 16.44
C SER A 327 18.08 -2.46 16.53
N THR A 328 17.13 -2.68 17.42
CA THR A 328 16.54 -4.01 17.56
C THR A 328 15.79 -4.50 16.30
N ALA A 329 15.71 -3.66 15.27
CA ALA A 329 14.93 -3.94 14.06
C ALA A 329 15.83 -4.09 12.84
N PHE A 330 17.14 -4.07 13.07
CA PHE A 330 18.13 -3.95 12.00
C PHE A 330 17.95 -4.92 10.81
N GLU A 331 17.64 -6.19 11.11
CA GLU A 331 17.52 -7.21 10.08
C GLU A 331 16.30 -6.94 9.21
N GLU A 332 15.15 -6.71 9.84
CA GLU A 332 13.96 -6.31 9.09
C GLU A 332 14.17 -5.06 8.26
N SER A 333 14.81 -4.06 8.85
CA SER A 333 14.99 -2.80 8.16
C SER A 333 15.90 -3.01 6.96
N ARG A 334 16.89 -3.89 7.11
CA ARG A 334 17.84 -4.16 6.03
C ARG A 334 17.12 -4.86 4.87
N ASN A 335 16.26 -5.81 5.19
CA ASN A 335 15.41 -6.41 4.17
C ASN A 335 14.53 -5.38 3.47
N THR A 336 13.90 -4.52 4.25
CA THR A 336 12.99 -3.59 3.64
C THR A 336 13.75 -2.63 2.74
N LEU A 337 14.84 -2.07 3.27
CA LEU A 337 15.63 -1.10 2.54
C LEU A 337 16.19 -1.68 1.24
N THR A 338 16.65 -2.93 1.29
CA THR A 338 17.10 -3.68 0.12
C THR A 338 16.02 -3.88 -0.97
N TYR A 339 14.84 -4.26 -0.52
CA TYR A 339 13.73 -4.56 -1.39
C TYR A 339 13.27 -3.31 -2.12
N ALA A 340 13.08 -2.24 -1.37
CA ALA A 340 12.57 -0.99 -1.89
C ALA A 340 13.65 -0.13 -2.50
N GLY A 341 14.89 -0.42 -2.11
CA GLY A 341 16.04 0.37 -2.53
C GLY A 341 16.22 0.52 -4.02
N ARG A 342 16.14 1.77 -4.47
CA ARG A 342 16.25 2.11 -5.90
C ARG A 342 17.70 2.35 -6.33
#